data_3IBQ
#
_entry.id   3IBQ
#
_cell.length_a   64.357
_cell.length_b   69.576
_cell.length_c   132.369
_cell.angle_alpha   90.00
_cell.angle_beta   90.00
_cell.angle_gamma   90.00
#
_symmetry.space_group_name_H-M   'C 2 2 21'
#
loop_
_entity.id
_entity.type
_entity.pdbx_description
1 polymer 'Pyridoxal kinase'
2 non-polymer "ADENOSINE-5'-TRIPHOSPHATE"
3 non-polymer 'MAGNESIUM ION'
4 water water
#
_entity_poly.entity_id   1
_entity_poly.type   'polypeptide(L)'
_entity_poly.pdbx_seq_one_letter_code
;(MSE)SLST(MSE)LVAEDLSAVGGISLSSALPVLTA(MSE)QYDVAALPTSLLSTHTSGYGTPAVVDLSTWLPQVFAHW
TRAQLHFDQALIGYVGSVALCQQITTYLEQQTLSLLVVDPVLGDLGQLYQGFDQDYVAA(MSE)RQLIQQADVILPNTTE
AALLTGAPYQVTPDLEVILPALQAQLKTGAHAVITDVQRADQIGCAWLDEAGHVQYCGARRLPGHYNGTGDTLAAVIAGL
LGRGYPLAPTLARANQWLN(MSE)AVAETIAQNRTDDRQGVALGDLLQAILALNEGHHHHHH
;
_entity_poly.pdbx_strand_id   A
#
loop_
_chem_comp.id
_chem_comp.type
_chem_comp.name
_chem_comp.formula
ATP non-polymer ADENOSINE-5'-TRIPHOSPHATE 'C10 H16 N5 O13 P3'
MG non-polymer 'MAGNESIUM ION' 'Mg 2'
#
# COMPACT_ATOMS: atom_id res chain seq x y z
N SER A 4 -11.10 -9.49 13.84
CA SER A 4 -10.70 -8.12 14.04
C SER A 4 -11.15 -7.20 12.91
N THR A 5 -11.03 -5.93 13.20
CA THR A 5 -11.40 -4.88 12.30
C THR A 5 -10.24 -4.08 11.70
N MSE A 6 -10.24 -3.97 10.39
CA MSE A 6 -9.29 -3.17 9.72
C MSE A 6 -9.84 -1.99 8.91
O MSE A 6 -10.62 -2.14 8.02
CB MSE A 6 -8.41 -3.98 8.80
CG MSE A 6 -7.29 -3.12 8.37
SE MSE A 6 -6.08 -3.93 7.50
CE MSE A 6 -5.20 -4.16 8.88
N LEU A 7 -9.36 -0.83 9.25
CA LEU A 7 -9.60 0.37 8.49
C LEU A 7 -8.74 0.35 7.18
N VAL A 8 -9.33 0.57 6.05
CA VAL A 8 -8.58 0.70 4.84
C VAL A 8 -9.00 1.99 4.16
N ALA A 9 -8.07 2.92 4.08
CA ALA A 9 -8.32 4.23 3.57
C ALA A 9 -7.50 4.46 2.31
N GLU A 10 -8.19 4.46 1.19
CA GLU A 10 -7.57 4.65 -0.12
C GLU A 10 -8.64 4.93 -1.15
N ASP A 11 -8.20 5.35 -2.33
CA ASP A 11 -9.08 5.68 -3.43
C ASP A 11 -10.03 4.55 -3.85
N LEU A 12 -11.27 4.90 -4.17
CA LEU A 12 -12.22 3.98 -4.76
C LEU A 12 -12.56 4.41 -6.20
N SER A 13 -12.21 3.59 -7.17
CA SER A 13 -12.61 3.77 -8.56
C SER A 13 -13.67 2.69 -8.85
N ALA A 14 -14.82 3.14 -9.32
CA ALA A 14 -15.92 2.27 -9.64
C ALA A 14 -15.51 1.17 -10.65
N VAL A 15 -14.87 1.59 -11.72
CA VAL A 15 -14.35 0.73 -12.74
C VAL A 15 -12.83 0.73 -12.61
N GLY A 16 -12.26 -0.45 -12.69
CA GLY A 16 -10.84 -0.63 -12.66
C GLY A 16 -10.26 -1.81 -11.87
N GLY A 17 -11.00 -2.30 -10.90
CA GLY A 17 -10.55 -3.35 -10.05
C GLY A 17 -9.25 -3.17 -9.31
N ILE A 18 -8.96 -1.96 -8.88
CA ILE A 18 -7.80 -1.68 -8.06
C ILE A 18 -8.20 -1.09 -6.67
N SER A 19 -7.18 -0.68 -5.96
CA SER A 19 -7.25 -0.08 -4.68
C SER A 19 -8.39 -0.59 -3.78
N LEU A 20 -9.23 0.29 -3.30
CA LEU A 20 -10.24 -0.14 -2.39
C LEU A 20 -11.12 -1.29 -2.96
N SER A 21 -11.40 -1.30 -4.24
CA SER A 21 -12.20 -2.36 -4.78
C SER A 21 -11.55 -3.77 -4.73
N SER A 22 -10.25 -3.81 -4.75
CA SER A 22 -9.55 -5.08 -4.62
C SER A 22 -9.20 -5.39 -3.17
N ALA A 23 -8.96 -4.37 -2.38
CA ALA A 23 -8.69 -4.54 -0.96
C ALA A 23 -9.87 -5.24 -0.22
N LEU A 24 -11.05 -4.85 -0.56
CA LEU A 24 -12.21 -5.34 0.09
C LEU A 24 -12.35 -6.86 0.04
N PRO A 25 -12.34 -7.46 -1.15
CA PRO A 25 -12.44 -8.92 -1.26
C PRO A 25 -11.27 -9.59 -0.53
N VAL A 26 -10.07 -9.08 -0.76
CA VAL A 26 -8.88 -9.65 -0.18
C VAL A 26 -8.94 -9.71 1.38
N LEU A 27 -9.11 -8.57 1.96
CA LEU A 27 -9.13 -8.44 3.40
C LEU A 27 -10.31 -9.17 4.05
N THR A 28 -11.47 -9.05 3.44
CA THR A 28 -12.62 -9.78 3.89
C THR A 28 -12.29 -11.29 3.89
N ALA A 29 -11.76 -11.81 2.82
CA ALA A 29 -11.42 -13.22 2.77
C ALA A 29 -10.35 -13.62 3.83
N MSE A 30 -9.47 -12.70 4.13
CA MSE A 30 -8.46 -12.86 5.16
C MSE A 30 -9.03 -12.75 6.60
O MSE A 30 -8.33 -12.66 7.57
CB MSE A 30 -7.33 -11.89 4.95
CG MSE A 30 -6.50 -12.29 3.78
SE MSE A 30 -4.97 -11.25 3.49
CE MSE A 30 -3.98 -11.95 4.95
N GLN A 31 -10.35 -12.78 6.70
CA GLN A 31 -11.04 -12.81 7.96
C GLN A 31 -11.06 -11.48 8.73
N TYR A 32 -11.04 -10.36 8.03
CA TYR A 32 -11.19 -9.07 8.67
C TYR A 32 -12.60 -8.44 8.43
N ASP A 33 -13.13 -7.67 9.36
CA ASP A 33 -14.27 -6.83 9.11
C ASP A 33 -13.62 -5.54 8.58
N VAL A 34 -13.83 -5.21 7.34
CA VAL A 34 -13.22 -4.05 6.73
C VAL A 34 -14.06 -2.78 6.86
N ALA A 35 -13.42 -1.73 7.30
CA ALA A 35 -13.98 -0.42 7.30
C ALA A 35 -13.39 0.19 6.01
N ALA A 36 -14.21 0.24 4.98
CA ALA A 36 -13.81 0.67 3.66
C ALA A 36 -14.07 2.18 3.41
N LEU A 37 -13.02 2.93 3.61
CA LEU A 37 -13.05 4.41 3.52
C LEU A 37 -12.36 5.00 2.28
N PRO A 38 -13.16 5.44 1.34
CA PRO A 38 -12.62 6.07 0.17
C PRO A 38 -12.03 7.41 0.53
N THR A 39 -10.84 7.68 0.05
CA THR A 39 -10.21 8.96 0.17
C THR A 39 -10.53 9.89 -1.02
N SER A 40 -11.05 9.28 -2.06
CA SER A 40 -11.44 9.83 -3.32
C SER A 40 -12.35 8.81 -4.01
N LEU A 41 -13.28 9.30 -4.80
CA LEU A 41 -14.24 8.47 -5.50
C LEU A 41 -14.18 8.80 -6.97
N LEU A 42 -13.87 7.83 -7.79
CA LEU A 42 -13.74 8.03 -9.23
C LEU A 42 -14.58 7.12 -10.11
N SER A 43 -14.95 7.61 -11.29
CA SER A 43 -15.66 6.84 -12.31
C SER A 43 -14.90 5.55 -12.73
N THR A 44 -13.63 5.76 -12.94
CA THR A 44 -12.65 4.77 -13.40
C THR A 44 -11.28 5.20 -12.81
N HIS A 45 -10.33 4.30 -12.74
CA HIS A 45 -9.00 4.72 -12.40
C HIS A 45 -8.46 5.67 -13.51
N THR A 46 -7.30 6.24 -13.25
CA THR A 46 -6.71 7.27 -14.06
C THR A 46 -5.84 6.86 -15.28
N SER A 47 -5.67 5.56 -15.48
CA SER A 47 -4.88 5.05 -16.58
C SER A 47 -5.60 4.32 -17.71
N GLY A 48 -6.01 5.06 -18.70
CA GLY A 48 -6.57 4.48 -19.89
C GLY A 48 -8.03 4.65 -20.23
N TYR A 49 -8.81 5.28 -19.38
CA TYR A 49 -10.20 5.47 -19.72
C TYR A 49 -10.55 6.93 -20.09
N GLY A 50 -9.55 7.77 -20.15
CA GLY A 50 -9.73 9.19 -20.33
C GLY A 50 -10.04 9.83 -18.97
N THR A 51 -10.23 11.12 -18.92
CA THR A 51 -10.42 11.86 -17.70
C THR A 51 -11.60 11.33 -16.86
N PRO A 52 -11.35 10.80 -15.67
CA PRO A 52 -12.48 10.26 -14.91
C PRO A 52 -13.27 11.39 -14.19
N ALA A 53 -14.50 11.06 -13.80
CA ALA A 53 -15.35 11.91 -13.03
C ALA A 53 -15.02 11.64 -11.53
N VAL A 54 -14.64 12.64 -10.79
CA VAL A 54 -14.17 12.44 -9.43
C VAL A 54 -14.85 13.28 -8.36
N VAL A 55 -15.18 12.68 -7.24
CA VAL A 55 -15.70 13.37 -6.09
C VAL A 55 -14.56 13.77 -5.14
N ASP A 56 -14.58 15.02 -4.75
CA ASP A 56 -13.67 15.58 -3.81
C ASP A 56 -14.23 15.31 -2.40
N LEU A 57 -13.54 14.46 -1.70
CA LEU A 57 -13.93 14.01 -0.36
C LEU A 57 -13.26 14.76 0.83
N SER A 58 -12.61 15.85 0.48
CA SER A 58 -11.84 16.60 1.44
C SER A 58 -12.70 17.15 2.58
N THR A 59 -13.93 17.51 2.29
CA THR A 59 -14.80 17.99 3.34
C THR A 59 -15.58 16.84 4.04
N TRP A 60 -15.49 15.65 3.47
CA TRP A 60 -16.20 14.49 3.99
C TRP A 60 -15.46 13.71 5.06
N LEU A 61 -14.18 13.43 4.83
CA LEU A 61 -13.41 12.68 5.78
C LEU A 61 -13.40 13.31 7.18
N PRO A 62 -13.34 14.61 7.30
CA PRO A 62 -13.39 15.17 8.66
C PRO A 62 -14.69 14.77 9.37
N GLN A 63 -15.79 14.83 8.67
CA GLN A 63 -17.05 14.45 9.19
C GLN A 63 -17.10 12.96 9.66
N VAL A 64 -16.52 12.11 8.81
CA VAL A 64 -16.45 10.69 9.01
C VAL A 64 -15.71 10.41 10.32
N PHE A 65 -14.50 10.91 10.42
CA PHE A 65 -13.69 10.81 11.63
C PHE A 65 -14.40 11.37 12.90
N ALA A 66 -14.97 12.54 12.79
CA ALA A 66 -15.74 13.16 13.86
C ALA A 66 -16.85 12.19 14.30
N HIS A 67 -17.54 11.61 13.35
CA HIS A 67 -18.65 10.69 13.60
C HIS A 67 -18.17 9.44 14.30
N TRP A 68 -17.23 8.76 13.69
CA TRP A 68 -16.64 7.58 14.29
C TRP A 68 -16.23 7.86 15.74
N THR A 69 -15.61 8.96 15.98
CA THR A 69 -15.22 9.38 17.30
C THR A 69 -16.40 9.41 18.29
N ARG A 70 -17.43 10.13 17.96
CA ARG A 70 -18.58 10.27 18.84
C ARG A 70 -19.31 8.97 19.05
N ALA A 71 -19.26 8.13 18.05
CA ALA A 71 -19.84 6.81 18.07
C ALA A 71 -18.95 5.82 18.89
N GLN A 72 -17.78 6.25 19.24
CA GLN A 72 -16.87 5.45 20.01
C GLN A 72 -16.41 4.16 19.32
N LEU A 73 -16.10 4.28 18.05
CA LEU A 73 -15.58 3.21 17.27
C LEU A 73 -14.09 3.18 17.43
N HIS A 74 -13.58 1.99 17.56
CA HIS A 74 -12.19 1.70 17.73
C HIS A 74 -11.75 0.66 16.70
N PHE A 75 -10.66 0.96 16.06
CA PHE A 75 -10.05 0.12 15.06
C PHE A 75 -8.84 -0.68 15.58
N ASP A 76 -8.72 -1.94 15.18
CA ASP A 76 -7.58 -2.77 15.56
C ASP A 76 -6.30 -2.45 14.73
N GLN A 77 -6.51 -2.50 13.43
CA GLN A 77 -5.50 -2.31 12.41
C GLN A 77 -5.94 -1.25 11.35
N ALA A 78 -4.95 -0.69 10.67
CA ALA A 78 -5.16 0.27 9.61
C ALA A 78 -4.14 0.11 8.49
N LEU A 79 -4.66 0.22 7.31
CA LEU A 79 -3.93 0.29 6.07
C LEU A 79 -4.29 1.59 5.35
N ILE A 80 -3.33 2.41 5.08
CA ILE A 80 -3.54 3.64 4.38
C ILE A 80 -2.88 3.56 3.01
N GLY A 81 -3.62 3.77 1.96
CA GLY A 81 -3.07 3.80 0.65
C GLY A 81 -3.07 5.20 0.09
N TYR A 82 -3.32 5.34 -1.21
CA TYR A 82 -3.36 6.63 -1.89
C TYR A 82 -4.30 7.60 -1.18
N VAL A 83 -3.83 8.77 -0.83
CA VAL A 83 -4.67 9.74 -0.13
C VAL A 83 -5.09 10.88 -1.09
N GLY A 84 -4.11 11.60 -1.56
CA GLY A 84 -4.30 12.56 -2.59
C GLY A 84 -4.22 14.02 -2.31
N SER A 85 -4.29 14.40 -1.06
CA SER A 85 -4.16 15.79 -0.72
C SER A 85 -3.50 16.00 0.62
N VAL A 86 -2.88 17.15 0.75
CA VAL A 86 -2.20 17.56 1.94
C VAL A 86 -3.18 17.55 3.10
N ALA A 87 -4.30 18.21 2.93
CA ALA A 87 -5.30 18.28 3.97
C ALA A 87 -5.81 16.91 4.41
N LEU A 88 -6.14 16.01 3.50
CA LEU A 88 -6.60 14.68 3.88
C LEU A 88 -5.53 13.88 4.65
N CYS A 89 -4.26 14.02 4.27
CA CYS A 89 -3.19 13.33 4.99
C CYS A 89 -3.12 13.79 6.43
N GLN A 90 -3.26 15.10 6.61
CA GLN A 90 -3.26 15.74 7.90
C GLN A 90 -4.39 15.20 8.78
N GLN A 91 -5.56 15.16 8.20
CA GLN A 91 -6.75 14.67 8.84
C GLN A 91 -6.60 13.20 9.28
N ILE A 92 -6.10 12.38 8.41
CA ILE A 92 -5.86 11.00 8.67
C ILE A 92 -4.83 10.79 9.77
N THR A 93 -3.78 11.59 9.70
CA THR A 93 -2.66 11.51 10.63
C THR A 93 -3.16 11.75 12.04
N THR A 94 -3.89 12.82 12.25
CA THR A 94 -4.40 13.11 13.58
C THR A 94 -5.41 12.06 14.05
N TYR A 95 -6.28 11.61 13.18
CA TYR A 95 -7.24 10.56 13.54
C TYR A 95 -6.53 9.29 14.01
N LEU A 96 -5.53 8.88 13.26
CA LEU A 96 -4.81 7.71 13.60
C LEU A 96 -4.13 7.90 14.98
N GLU A 97 -3.56 9.07 15.22
CA GLU A 97 -2.93 9.41 16.52
C GLU A 97 -3.88 9.17 17.70
N GLN A 98 -5.16 9.44 17.50
CA GLN A 98 -6.19 9.23 18.53
C GLN A 98 -6.47 7.76 18.83
N GLN A 99 -6.22 6.86 17.90
CA GLN A 99 -6.49 5.45 18.06
C GLN A 99 -5.32 4.74 18.79
N THR A 100 -5.57 3.57 19.29
CA THR A 100 -4.50 2.77 19.77
C THR A 100 -4.33 1.59 18.83
N LEU A 101 -3.68 1.77 17.71
CA LEU A 101 -3.55 0.65 16.77
C LEU A 101 -2.45 -0.35 17.07
N SER A 102 -2.78 -1.62 16.98
CA SER A 102 -1.78 -2.66 17.04
C SER A 102 -0.98 -2.81 15.74
N LEU A 103 -1.46 -2.21 14.65
CA LEU A 103 -0.85 -2.27 13.33
C LEU A 103 -1.29 -1.10 12.43
N LEU A 104 -0.32 -0.41 11.88
CA LEU A 104 -0.51 0.65 10.93
C LEU A 104 0.48 0.45 9.81
N VAL A 105 -0.05 0.24 8.65
CA VAL A 105 0.74 0.03 7.44
C VAL A 105 0.36 1.19 6.48
N VAL A 106 1.37 1.86 5.96
CA VAL A 106 1.17 3.00 5.05
C VAL A 106 1.95 2.87 3.74
N ASP A 107 1.21 2.76 2.65
CA ASP A 107 1.75 2.75 1.32
C ASP A 107 1.85 4.19 0.87
N PRO A 108 3.06 4.70 0.87
CA PRO A 108 3.36 6.10 0.63
C PRO A 108 3.33 6.50 -0.85
N VAL A 109 2.14 6.45 -1.43
CA VAL A 109 1.94 6.72 -2.82
C VAL A 109 2.31 8.17 -3.22
N LEU A 110 3.37 8.29 -4.01
CA LEU A 110 3.86 9.58 -4.41
C LEU A 110 4.37 9.65 -5.84
N GLY A 111 4.85 8.53 -6.35
CA GLY A 111 5.41 8.51 -7.67
C GLY A 111 6.00 7.22 -8.12
N ASP A 112 6.64 7.29 -9.26
CA ASP A 112 7.24 6.17 -9.92
C ASP A 112 8.08 6.68 -11.13
N LEU A 113 8.98 5.84 -11.61
CA LEU A 113 9.86 6.15 -12.73
C LEU A 113 10.68 7.39 -12.50
N GLY A 114 11.06 7.64 -11.28
CA GLY A 114 11.82 8.82 -10.95
C GLY A 114 11.11 10.14 -10.72
N GLN A 115 9.82 10.23 -10.98
CA GLN A 115 9.12 11.49 -10.80
C GLN A 115 7.83 11.40 -9.94
N LEU A 116 7.53 12.47 -9.22
CA LEU A 116 6.29 12.60 -8.48
C LEU A 116 5.11 12.50 -9.46
N TYR A 117 4.01 11.93 -9.03
CA TYR A 117 2.86 11.82 -9.89
C TYR A 117 2.37 13.25 -10.18
N GLN A 118 1.72 13.49 -11.30
CA GLN A 118 1.21 14.85 -11.56
C GLN A 118 0.30 15.31 -10.42
N GLY A 119 0.43 16.55 -10.05
CA GLY A 119 -0.35 17.14 -8.97
C GLY A 119 0.31 17.16 -7.60
N PHE A 120 1.31 16.30 -7.41
CA PHE A 120 2.04 16.16 -6.16
C PHE A 120 3.29 17.02 -6.16
N ASP A 121 3.51 17.69 -5.08
CA ASP A 121 4.69 18.47 -4.98
C ASP A 121 5.37 18.15 -3.69
N GLN A 122 6.32 18.96 -3.32
CA GLN A 122 7.03 18.77 -2.11
C GLN A 122 6.20 19.00 -0.88
N ASP A 123 5.14 19.75 -0.98
CA ASP A 123 4.23 19.87 0.12
C ASP A 123 3.52 18.51 0.38
N TYR A 124 3.21 17.72 -0.64
CA TYR A 124 2.58 16.42 -0.42
C TYR A 124 3.56 15.47 0.23
N VAL A 125 4.79 15.55 -0.22
CA VAL A 125 5.90 14.81 0.32
C VAL A 125 6.04 15.07 1.80
N ALA A 126 6.01 16.32 2.23
CA ALA A 126 6.09 16.63 3.65
C ALA A 126 4.87 16.11 4.41
N ALA A 127 3.71 16.17 3.80
CA ALA A 127 2.52 15.64 4.41
C ALA A 127 2.65 14.10 4.59
N MSE A 128 3.20 13.44 3.62
CA MSE A 128 3.44 12.03 3.71
C MSE A 128 4.42 11.67 4.85
O MSE A 128 4.22 10.76 5.56
CB MSE A 128 3.89 11.51 2.38
CG MSE A 128 3.92 10.08 2.28
SE MSE A 128 2.29 9.13 2.76
CE MSE A 128 1.13 10.00 1.78
N ARG A 129 5.49 12.45 4.95
CA ARG A 129 6.48 12.27 6.01
C ARG A 129 5.81 12.32 7.39
N GLN A 130 4.82 13.14 7.57
CA GLN A 130 4.08 13.20 8.81
C GLN A 130 3.18 11.95 9.00
N LEU A 131 2.58 11.51 7.93
CA LEU A 131 1.67 10.38 8.03
C LEU A 131 2.35 9.09 8.37
N ILE A 132 3.53 8.90 7.86
CA ILE A 132 4.29 7.72 8.13
C ILE A 132 4.94 7.63 9.51
N GLN A 133 5.03 8.73 10.25
CA GLN A 133 5.68 8.76 11.57
C GLN A 133 5.22 7.67 12.57
N GLN A 134 3.96 7.29 12.58
CA GLN A 134 3.52 6.23 13.48
C GLN A 134 3.38 4.84 12.85
N ALA A 135 3.69 4.74 11.58
CA ALA A 135 3.56 3.49 10.88
C ALA A 135 4.50 2.39 11.38
N ASP A 136 3.95 1.21 11.50
CA ASP A 136 4.70 0.05 11.77
C ASP A 136 5.49 -0.40 10.53
N VAL A 137 4.87 -0.33 9.37
CA VAL A 137 5.50 -0.67 8.11
C VAL A 137 5.15 0.35 7.04
N ILE A 138 6.11 0.73 6.25
CA ILE A 138 5.86 1.53 5.07
C ILE A 138 6.29 0.78 3.80
N LEU A 139 5.59 1.03 2.71
CA LEU A 139 5.90 0.27 1.54
C LEU A 139 6.28 1.06 0.30
N PRO A 140 7.18 1.99 0.41
CA PRO A 140 7.56 2.75 -0.76
C PRO A 140 8.22 1.92 -1.89
N ASN A 141 8.04 2.36 -3.10
CA ASN A 141 8.84 1.90 -4.18
C ASN A 141 10.13 2.75 -4.15
N THR A 142 11.01 2.45 -5.08
CA THR A 142 12.26 3.11 -5.26
C THR A 142 12.18 4.61 -5.48
N THR A 143 11.26 5.09 -6.27
CA THR A 143 11.10 6.50 -6.43
C THR A 143 10.64 7.17 -5.11
N GLU A 144 9.69 6.50 -4.46
CA GLU A 144 9.12 7.02 -3.22
C GLU A 144 10.17 7.09 -2.13
N ALA A 145 10.98 6.05 -2.02
CA ALA A 145 12.03 6.00 -1.03
C ALA A 145 12.91 7.25 -1.16
N ALA A 146 13.34 7.53 -2.38
CA ALA A 146 14.18 8.67 -2.67
C ALA A 146 13.52 9.96 -2.28
N LEU A 147 12.26 10.11 -2.64
CA LEU A 147 11.50 11.28 -2.34
C LEU A 147 11.33 11.46 -0.86
N LEU A 148 11.05 10.42 -0.14
CA LEU A 148 10.92 10.54 1.29
C LEU A 148 12.22 11.02 2.00
N THR A 149 13.33 10.53 1.54
CA THR A 149 14.61 10.84 2.14
C THR A 149 15.21 12.13 1.64
N GLY A 150 14.72 12.60 0.55
CA GLY A 150 15.29 13.73 -0.09
C GLY A 150 16.49 13.38 -0.93
N ALA A 151 16.77 12.13 -1.16
CA ALA A 151 17.87 11.77 -2.01
C ALA A 151 17.43 11.85 -3.47
N PRO A 152 18.29 12.36 -4.35
CA PRO A 152 17.93 12.41 -5.75
C PRO A 152 17.66 11.00 -6.21
N TYR A 153 16.73 10.83 -7.13
CA TYR A 153 16.37 9.51 -7.59
C TYR A 153 17.51 8.71 -8.21
N GLN A 154 17.59 7.45 -7.84
CA GLN A 154 18.54 6.50 -8.39
C GLN A 154 17.77 5.27 -8.80
N VAL A 155 18.07 4.71 -9.97
CA VAL A 155 17.36 3.51 -10.41
C VAL A 155 17.65 2.29 -9.52
N THR A 156 18.85 2.16 -9.03
CA THR A 156 19.21 1.15 -8.06
C THR A 156 19.96 1.89 -6.98
N PRO A 157 19.25 2.37 -5.98
CA PRO A 157 19.94 3.10 -4.92
C PRO A 157 20.71 2.12 -4.04
N ASP A 158 21.59 2.61 -3.21
CA ASP A 158 22.29 1.75 -2.29
C ASP A 158 21.47 1.49 -1.06
N LEU A 159 20.94 0.29 -0.98
CA LEU A 159 20.04 -0.16 0.05
C LEU A 159 20.61 -0.01 1.45
N GLU A 160 21.93 -0.10 1.52
CA GLU A 160 22.66 0.05 2.76
C GLU A 160 22.62 1.46 3.26
N VAL A 161 22.41 2.40 2.33
CA VAL A 161 22.28 3.83 2.60
C VAL A 161 20.79 4.32 2.73
N ILE A 162 20.00 4.07 1.71
CA ILE A 162 18.62 4.46 1.70
C ILE A 162 17.77 3.76 2.77
N LEU A 163 17.96 2.49 3.04
CA LEU A 163 17.14 1.86 4.05
C LEU A 163 17.26 2.48 5.49
N PRO A 164 18.48 2.72 5.96
CA PRO A 164 18.67 3.34 7.25
C PRO A 164 18.16 4.76 7.24
N ALA A 165 18.34 5.43 6.13
CA ALA A 165 17.90 6.80 6.00
C ALA A 165 16.39 6.88 6.21
N LEU A 166 15.66 5.97 5.58
CA LEU A 166 14.21 5.85 5.70
C LEU A 166 13.80 5.51 7.09
N GLN A 167 14.49 4.54 7.68
CA GLN A 167 14.22 4.07 9.03
C GLN A 167 14.29 5.20 10.07
N ALA A 168 15.16 6.14 9.80
CA ALA A 168 15.38 7.34 10.58
C ALA A 168 14.13 8.17 10.72
N GLN A 169 13.14 7.94 9.88
CA GLN A 169 11.88 8.65 9.98
C GLN A 169 10.72 7.94 10.66
N LEU A 170 10.93 6.70 10.95
CA LEU A 170 9.97 5.83 11.54
C LEU A 170 10.26 5.68 13.00
N LYS A 171 9.27 5.23 13.74
CA LYS A 171 9.44 4.91 15.12
C LYS A 171 10.33 3.68 15.31
N THR A 172 10.78 3.47 16.53
CA THR A 172 11.61 2.35 16.87
C THR A 172 10.90 1.05 16.68
N GLY A 173 11.56 0.12 16.05
CA GLY A 173 10.97 -1.17 15.80
C GLY A 173 10.13 -1.26 14.51
N ALA A 174 9.81 -0.14 13.89
CA ALA A 174 9.05 -0.12 12.63
C ALA A 174 9.97 -0.42 11.46
N HIS A 175 9.40 -0.66 10.29
CA HIS A 175 10.12 -1.12 9.15
C HIS A 175 9.83 -0.44 7.83
N ALA A 176 10.87 -0.10 7.12
CA ALA A 176 10.79 0.47 5.80
C ALA A 176 11.07 -0.68 4.83
N VAL A 177 10.13 -0.96 3.96
CA VAL A 177 10.24 -2.01 2.99
C VAL A 177 10.12 -1.44 1.62
N ILE A 178 11.19 -1.53 0.87
CA ILE A 178 11.17 -1.03 -0.50
C ILE A 178 10.65 -2.17 -1.37
N THR A 179 9.55 -1.96 -2.09
CA THR A 179 8.76 -3.01 -2.79
C THR A 179 9.02 -3.46 -4.26
N ASP A 180 9.75 -2.71 -4.99
CA ASP A 180 9.90 -3.04 -6.38
C ASP A 180 11.37 -3.24 -6.73
N VAL A 181 12.13 -3.75 -5.81
CA VAL A 181 13.54 -3.93 -6.00
C VAL A 181 13.79 -5.09 -6.98
N GLN A 182 14.55 -4.81 -8.01
CA GLN A 182 14.92 -5.83 -8.97
C GLN A 182 16.33 -6.37 -8.81
N ARG A 183 16.44 -7.67 -8.67
CA ARG A 183 17.69 -8.38 -8.62
C ARG A 183 17.67 -9.52 -9.67
N ALA A 184 18.45 -9.34 -10.71
CA ALA A 184 18.56 -10.28 -11.79
C ALA A 184 17.19 -10.49 -12.43
N ASP A 185 16.73 -11.72 -12.54
CA ASP A 185 15.42 -11.97 -13.12
C ASP A 185 14.28 -11.83 -12.06
N GLN A 186 14.61 -11.40 -10.86
CA GLN A 186 13.68 -11.31 -9.77
C GLN A 186 13.20 -9.91 -9.47
N ILE A 187 12.00 -9.85 -8.92
CA ILE A 187 11.44 -8.62 -8.44
C ILE A 187 10.85 -8.86 -7.03
N GLY A 188 11.06 -7.93 -6.11
CA GLY A 188 10.59 -8.03 -4.77
C GLY A 188 10.89 -6.90 -3.78
N CYS A 189 10.94 -7.24 -2.51
CA CYS A 189 11.02 -6.39 -1.36
C CYS A 189 12.34 -6.48 -0.63
N ALA A 190 12.82 -5.34 -0.19
CA ALA A 190 14.05 -5.25 0.57
C ALA A 190 13.83 -4.44 1.83
N TRP A 191 14.39 -4.92 2.91
CA TRP A 191 14.30 -4.30 4.19
C TRP A 191 15.45 -4.73 5.05
N LEU A 192 15.57 -4.07 6.18
CA LEU A 192 16.56 -4.31 7.21
C LEU A 192 16.06 -5.25 8.29
N ASP A 193 16.84 -6.27 8.56
CA ASP A 193 16.52 -7.19 9.60
C ASP A 193 16.96 -6.60 10.92
N GLU A 194 16.67 -7.29 12.00
CA GLU A 194 16.93 -6.83 13.33
C GLU A 194 18.36 -6.52 13.65
N ALA A 195 19.26 -7.10 12.89
CA ALA A 195 20.65 -6.92 13.07
C ALA A 195 21.17 -5.82 12.18
N GLY A 196 20.27 -5.16 11.48
CA GLY A 196 20.66 -4.11 10.55
C GLY A 196 21.18 -4.54 9.20
N HIS A 197 20.97 -5.78 8.87
CA HIS A 197 21.34 -6.33 7.58
C HIS A 197 20.19 -6.36 6.53
N VAL A 198 20.54 -5.97 5.32
CA VAL A 198 19.65 -5.93 4.20
C VAL A 198 19.18 -7.31 3.80
N GLN A 199 17.89 -7.46 3.78
CA GLN A 199 17.28 -8.68 3.35
C GLN A 199 16.45 -8.40 2.06
N TYR A 200 16.22 -9.43 1.30
CA TYR A 200 15.50 -9.37 0.04
C TYR A 200 14.73 -10.62 -0.17
N CYS A 201 13.50 -10.47 -0.63
CA CYS A 201 12.62 -11.59 -0.99
C CYS A 201 11.83 -11.24 -2.25
N GLY A 202 12.08 -11.99 -3.32
CA GLY A 202 11.50 -11.74 -4.58
C GLY A 202 10.95 -12.97 -5.26
N ALA A 203 10.42 -12.80 -6.42
CA ALA A 203 9.87 -13.86 -7.18
C ALA A 203 10.25 -13.48 -8.58
N ARG A 204 10.16 -14.44 -9.46
CA ARG A 204 10.58 -14.27 -10.82
C ARG A 204 9.66 -13.28 -11.54
N ARG A 205 10.27 -12.23 -12.10
CA ARG A 205 9.53 -11.20 -12.80
C ARG A 205 8.85 -11.73 -14.06
N LEU A 206 7.58 -11.36 -14.22
CA LEU A 206 6.82 -11.76 -15.36
C LEU A 206 6.64 -10.64 -16.38
N PRO A 207 6.51 -10.96 -17.66
CA PRO A 207 6.44 -9.90 -18.64
C PRO A 207 5.24 -9.00 -18.44
N GLY A 208 5.35 -7.76 -18.84
CA GLY A 208 4.22 -6.88 -18.83
C GLY A 208 4.11 -5.97 -17.66
N HIS A 209 3.11 -5.12 -17.67
CA HIS A 209 2.87 -4.22 -16.57
C HIS A 209 1.38 -4.26 -16.24
N TYR A 210 1.08 -4.33 -14.95
CA TYR A 210 -0.26 -4.55 -14.47
C TYR A 210 -0.73 -3.47 -13.49
N ASN A 211 -2.02 -3.28 -13.37
CA ASN A 211 -2.51 -2.30 -12.46
C ASN A 211 -2.93 -2.98 -11.14
N GLY A 212 -2.88 -2.26 -10.04
CA GLY A 212 -3.32 -2.78 -8.79
C GLY A 212 -2.36 -3.70 -8.01
N THR A 213 -1.17 -3.92 -8.54
CA THR A 213 -0.21 -4.80 -7.92
C THR A 213 0.24 -4.29 -6.56
N GLY A 214 0.65 -3.04 -6.52
CA GLY A 214 1.00 -2.41 -5.29
C GLY A 214 -0.12 -2.46 -4.24
N ASP A 215 -1.32 -2.12 -4.66
CA ASP A 215 -2.50 -2.17 -3.85
C ASP A 215 -2.69 -3.54 -3.21
N THR A 216 -2.68 -4.60 -4.02
CA THR A 216 -2.86 -5.95 -3.51
C THR A 216 -1.74 -6.41 -2.57
N LEU A 217 -0.52 -6.07 -2.95
CA LEU A 217 0.66 -6.32 -2.15
C LEU A 217 0.44 -5.75 -0.77
N ALA A 218 0.06 -4.49 -0.72
CA ALA A 218 -0.16 -3.80 0.54
C ALA A 218 -1.28 -4.49 1.38
N ALA A 219 -2.35 -4.85 0.72
CA ALA A 219 -3.43 -5.46 1.42
C ALA A 219 -2.98 -6.82 2.02
N VAL A 220 -2.29 -7.60 1.24
CA VAL A 220 -1.82 -8.88 1.67
C VAL A 220 -0.83 -8.71 2.84
N ILE A 221 0.12 -7.80 2.71
CA ILE A 221 1.03 -7.54 3.78
C ILE A 221 0.30 -7.11 5.08
N ALA A 222 -0.60 -6.15 5.03
CA ALA A 222 -1.37 -5.72 6.18
C ALA A 222 -2.12 -6.90 6.83
N GLY A 223 -2.75 -7.66 5.98
CA GLY A 223 -3.55 -8.78 6.42
C GLY A 223 -2.78 -9.87 7.12
N LEU A 224 -1.62 -10.18 6.61
CA LEU A 224 -0.77 -11.18 7.16
C LEU A 224 -0.20 -10.73 8.52
N LEU A 225 0.32 -9.51 8.55
CA LEU A 225 0.90 -8.91 9.72
C LEU A 225 -0.13 -8.83 10.84
N GLY A 226 -1.33 -8.43 10.45
CA GLY A 226 -2.46 -8.34 11.31
C GLY A 226 -2.82 -9.63 12.01
N ARG A 227 -2.51 -10.72 11.38
CA ARG A 227 -2.73 -12.03 11.89
C ARG A 227 -1.55 -12.64 12.67
N GLY A 228 -0.53 -11.87 12.96
CA GLY A 228 0.62 -12.32 13.71
C GLY A 228 1.79 -12.90 12.96
N TYR A 229 1.80 -12.87 11.63
CA TYR A 229 2.95 -13.42 10.90
C TYR A 229 4.17 -12.48 10.94
N PRO A 230 5.32 -12.97 11.38
CA PRO A 230 6.51 -12.13 11.38
C PRO A 230 6.75 -11.54 10.00
N LEU A 231 7.47 -10.44 9.99
CA LEU A 231 7.78 -9.73 8.78
C LEU A 231 8.38 -10.53 7.64
N ALA A 232 9.45 -11.24 7.88
CA ALA A 232 10.09 -12.01 6.84
C ALA A 232 9.19 -13.02 6.12
N PRO A 233 8.54 -13.89 6.86
CA PRO A 233 7.62 -14.86 6.26
C PRO A 233 6.44 -14.15 5.59
N THR A 234 6.03 -13.02 6.13
CA THR A 234 4.98 -12.25 5.53
C THR A 234 5.37 -11.79 4.14
N LEU A 235 6.52 -11.16 4.05
CA LEU A 235 7.06 -10.68 2.82
C LEU A 235 7.27 -11.83 1.80
N ALA A 236 7.74 -12.96 2.26
CA ALA A 236 7.93 -14.12 1.41
C ALA A 236 6.59 -14.53 0.77
N ARG A 237 5.60 -14.65 1.58
CA ARG A 237 4.32 -15.09 1.10
C ARG A 237 3.58 -14.10 0.20
N ALA A 238 3.65 -12.82 0.56
CA ALA A 238 3.03 -11.78 -0.15
C ALA A 238 3.55 -11.74 -1.56
N ASN A 239 4.87 -11.84 -1.68
CA ASN A 239 5.52 -11.87 -2.99
C ASN A 239 5.11 -13.05 -3.84
N GLN A 240 5.03 -14.22 -3.25
CA GLN A 240 4.57 -15.39 -3.97
C GLN A 240 3.13 -15.21 -4.38
N TRP A 241 2.32 -14.66 -3.50
CA TRP A 241 0.92 -14.44 -3.80
C TRP A 241 0.71 -13.46 -4.97
N LEU A 242 1.48 -12.38 -4.99
CA LEU A 242 1.39 -11.41 -6.09
C LEU A 242 1.82 -12.05 -7.41
N ASN A 243 2.91 -12.80 -7.35
CA ASN A 243 3.46 -13.51 -8.49
C ASN A 243 2.33 -14.33 -9.11
N MSE A 244 1.65 -15.11 -8.29
CA MSE A 244 0.53 -15.91 -8.67
C MSE A 244 -0.60 -15.09 -9.28
O MSE A 244 -1.14 -15.46 -10.23
CB MSE A 244 0.03 -16.66 -7.45
CG MSE A 244 -1.13 -17.59 -7.65
SE MSE A 244 -1.66 -18.48 -5.97
CE MSE A 244 -2.31 -17.23 -5.24
N ALA A 245 -0.92 -13.96 -8.67
CA ALA A 245 -1.98 -13.11 -9.17
C ALA A 245 -1.68 -12.55 -10.58
N VAL A 246 -0.46 -12.09 -10.75
CA VAL A 246 -0.02 -11.61 -12.02
C VAL A 246 -0.08 -12.79 -13.03
N ALA A 247 0.35 -13.96 -12.66
CA ALA A 247 0.33 -15.13 -13.54
C ALA A 247 -1.09 -15.40 -14.02
N GLU A 248 -2.02 -15.32 -13.08
CA GLU A 248 -3.41 -15.56 -13.36
C GLU A 248 -3.93 -14.55 -14.41
N THR A 249 -3.59 -13.29 -14.15
CA THR A 249 -3.88 -12.17 -15.01
C THR A 249 -3.45 -12.42 -16.46
N ILE A 250 -2.20 -12.79 -16.65
CA ILE A 250 -1.70 -13.15 -17.98
C ILE A 250 -2.53 -14.27 -18.62
N ALA A 251 -2.84 -15.28 -17.81
CA ALA A 251 -3.59 -16.44 -18.18
C ALA A 251 -4.97 -16.15 -18.70
N GLN A 252 -5.54 -15.06 -18.29
CA GLN A 252 -6.85 -14.71 -18.69
C GLN A 252 -6.90 -14.18 -20.14
N ASN A 253 -5.73 -13.93 -20.73
CA ASN A 253 -5.62 -13.40 -22.08
C ASN A 253 -6.60 -12.26 -22.35
N ARG A 254 -6.49 -11.25 -21.53
CA ARG A 254 -7.39 -10.16 -21.54
C ARG A 254 -7.31 -9.30 -22.80
N THR A 255 -8.44 -8.82 -23.24
CA THR A 255 -8.43 -7.90 -24.33
C THR A 255 -8.24 -6.48 -23.77
N ASP A 256 -8.63 -6.27 -22.52
CA ASP A 256 -8.56 -4.96 -21.88
C ASP A 256 -7.40 -4.91 -20.91
N ASP A 257 -6.37 -4.18 -21.25
CA ASP A 257 -5.22 -4.13 -20.37
C ASP A 257 -5.34 -3.21 -19.12
N ARG A 258 -6.46 -2.56 -18.95
CA ARG A 258 -6.68 -1.62 -17.87
C ARG A 258 -7.12 -2.22 -16.49
N GLN A 259 -7.89 -3.27 -16.54
CA GLN A 259 -8.41 -3.93 -15.34
C GLN A 259 -7.26 -4.40 -14.43
N GLY A 260 -7.44 -4.24 -13.14
CA GLY A 260 -6.50 -4.65 -12.16
C GLY A 260 -6.22 -6.14 -12.16
N VAL A 261 -5.15 -6.51 -11.47
CA VAL A 261 -4.75 -7.88 -11.32
C VAL A 261 -5.90 -8.82 -10.82
N ALA A 262 -5.97 -9.97 -11.42
CA ALA A 262 -6.92 -10.98 -11.05
C ALA A 262 -6.70 -11.44 -9.59
N LEU A 263 -7.80 -11.73 -8.92
CA LEU A 263 -7.84 -12.13 -7.52
C LEU A 263 -8.30 -13.58 -7.16
N GLY A 264 -8.85 -14.30 -8.12
CA GLY A 264 -9.36 -15.62 -7.92
C GLY A 264 -8.37 -16.55 -7.23
N ASP A 265 -7.20 -16.70 -7.82
CA ASP A 265 -6.20 -17.61 -7.30
C ASP A 265 -5.76 -17.16 -5.91
N LEU A 266 -5.60 -15.87 -5.77
CA LEU A 266 -5.26 -15.27 -4.52
C LEU A 266 -6.29 -15.60 -3.36
N LEU A 267 -7.56 -15.43 -3.67
CA LEU A 267 -8.67 -15.72 -2.72
C LEU A 267 -8.64 -17.22 -2.33
N GLN A 268 -8.43 -18.06 -3.32
CA GLN A 268 -8.26 -19.48 -3.12
C GLN A 268 -7.10 -19.77 -2.13
N ALA A 269 -5.95 -19.18 -2.37
CA ALA A 269 -4.80 -19.27 -1.50
C ALA A 269 -5.09 -18.81 -0.05
N ILE A 270 -5.80 -17.69 0.06
CA ILE A 270 -6.22 -17.15 1.34
C ILE A 270 -7.11 -18.18 2.07
N LEU A 271 -8.09 -18.73 1.39
CA LEU A 271 -8.99 -19.68 1.97
C LEU A 271 -8.29 -20.93 2.47
N ALA A 272 -7.25 -21.34 1.76
CA ALA A 272 -6.46 -22.48 2.11
C ALA A 272 -5.61 -22.20 3.35
N LEU A 273 -5.01 -21.02 3.43
CA LEU A 273 -4.28 -20.63 4.59
C LEU A 273 -5.22 -20.64 5.81
N ASN A 274 -6.43 -20.12 5.64
CA ASN A 274 -7.42 -20.05 6.69
C ASN A 274 -7.69 -21.49 7.28
N GLU A 275 -7.67 -22.64 6.42
CA GLU A 275 -7.90 -24.02 6.82
C GLU A 275 -9.30 -24.48 6.41
PG ATP B . 1.53 -0.34 -9.12
O1G ATP B . 0.81 -1.18 -10.19
O2G ATP B . 2.09 0.86 -9.75
O3G ATP B . 0.83 -0.30 -7.79
PB ATP B . 3.45 -0.50 -7.22
O1B ATP B . 2.28 0.07 -6.53
O2B ATP B . 4.70 0.34 -7.26
O3B ATP B . 2.97 -0.84 -8.67
PA ATP B . 4.92 -2.74 -7.78
O1A ATP B . 6.23 -2.20 -7.99
O2A ATP B . 4.13 -3.11 -8.98
O3A ATP B . 3.88 -1.97 -6.84
O5' ATP B . 5.09 -3.98 -6.86
C5' ATP B . 4.00 -4.73 -6.47
C4' ATP B . 4.47 -6.14 -6.28
O4' ATP B . 3.79 -6.97 -7.19
C3' ATP B . 5.97 -6.39 -6.50
O3' ATP B . 6.58 -6.43 -5.28
C2' ATP B . 5.94 -7.80 -6.89
O2' ATP B . 5.66 -8.50 -5.68
C1' ATP B . 4.71 -7.87 -7.75
N9 ATP B . 4.88 -7.59 -9.19
C8 ATP B . 4.70 -6.46 -9.79
N7 ATP B . 4.91 -6.58 -11.09
C5 ATP B . 5.23 -7.80 -11.34
C6 ATP B . 5.63 -8.60 -12.54
N6 ATP B . 5.63 -8.07 -13.75
N1 ATP B . 5.91 -9.84 -12.31
C2 ATP B . 5.89 -10.38 -11.13
N3 ATP B . 5.56 -9.76 -10.03
C4 ATP B . 5.21 -8.48 -10.07
MG MG C . 3.44 1.43 -5.15
#